data_2PXP
#
_entry.id   2PXP
#
_cell.length_a   132.345
_cell.length_b   78.165
_cell.length_c   32.566
_cell.angle_alpha   90.00
_cell.angle_beta   94.99
_cell.angle_gamma   90.00
#
_symmetry.space_group_name_H-M   'C 1 2 1'
#
loop_
_entity.id
_entity.type
_entity.pdbx_description
1 polymer '4.5 S RNA'
2 polymer 'Signal recognition particle protein'
3 non-polymer 'COBALT HEXAMMINE(III)'
#
loop_
_entity_poly.entity_id
_entity_poly.type
_entity_poly.pdbx_seq_one_letter_code
_entity_poly.pdbx_strand_id
1 'polyribonucleotide' GGGGCUGUUUACCAGGUCAGGUCCGAAAGGAAGCAGCCAAGGCAGCUCC B
2 'polypeptide(L)'
;FDLNDFLEQLRQMKN(MSE)GG(MSE)ASL(MSE)GKLPG(MSE)GQIPDNVKSQ(MSE)DDKVLVR(MSE)EAIINS
(MSE)T(MSE)KERAKPEIIKGSRKRRIAAGSG(MSE)QVQDVNRLLKQFDD(MSE)QR(MSE)(MSE)KK(MSE)
;
A
#
loop_
_chem_comp.id
_chem_comp.type
_chem_comp.name
_chem_comp.formula
A RNA linking ADENOSINE-5'-MONOPHOSPHATE 'C10 H14 N5 O7 P'
C RNA linking CYTIDINE-5'-MONOPHOSPHATE 'C9 H14 N3 O8 P'
G RNA linking GUANOSINE-5'-MONOPHOSPHATE 'C10 H14 N5 O8 P'
NCO non-polymer 'COBALT HEXAMMINE(III)' 'Co H18 N6 3'
U RNA linking URIDINE-5'-MONOPHOSPHATE 'C9 H13 N2 O9 P'
#
# COMPACT_ATOMS: atom_id res chain seq x y z
N PHE B 1 -7.42 9.52 -6.40
CA PHE B 1 -7.39 8.06 -6.09
C PHE B 1 -6.21 7.74 -5.15
N ASP B 2 -6.53 7.44 -3.89
CA ASP B 2 -5.53 7.12 -2.86
C ASP B 2 -5.63 5.67 -2.39
N LEU B 3 -4.77 5.31 -1.44
CA LEU B 3 -4.76 3.96 -0.89
C LEU B 3 -6.05 3.62 -0.15
N ASN B 4 -6.80 4.64 0.25
CA ASN B 4 -8.06 4.38 0.95
C ASN B 4 -8.99 3.69 -0.04
N ASP B 5 -8.99 4.18 -1.27
CA ASP B 5 -9.84 3.63 -2.31
C ASP B 5 -9.38 2.24 -2.72
N PHE B 6 -8.15 2.15 -3.22
CA PHE B 6 -7.60 0.88 -3.66
C PHE B 6 -7.90 -0.24 -2.65
N LEU B 7 -8.22 0.15 -1.42
CA LEU B 7 -8.54 -0.82 -0.37
C LEU B 7 -9.95 -1.36 -0.54
N GLU B 8 -10.87 -0.48 -0.92
CA GLU B 8 -12.25 -0.90 -1.14
C GLU B 8 -12.19 -2.20 -1.91
N GLN B 9 -11.43 -2.18 -3.00
CA GLN B 9 -11.24 -3.34 -3.86
C GLN B 9 -10.50 -4.44 -3.12
N LYS B 43 -7.80 -14.55 -1.06
CA LYS B 43 -7.00 -15.07 0.05
C LYS B 43 -5.63 -14.38 0.10
N VAL B 44 -5.25 -13.75 -1.01
CA VAL B 44 -4.00 -13.02 -1.10
C VAL B 44 -4.36 -11.56 -0.92
N LEU B 45 -5.65 -11.26 -1.06
CA LEU B 45 -6.16 -9.92 -0.90
C LEU B 45 -6.24 -9.59 0.60
N VAL B 46 -6.20 -10.63 1.43
CA VAL B 46 -6.25 -10.46 2.87
C VAL B 46 -4.91 -9.91 3.31
N ARG B 47 -3.85 -10.44 2.69
CA ARG B 47 -2.48 -10.01 2.99
C ARG B 47 -2.33 -8.56 2.53
N MSE B 48 -3.04 -8.19 1.48
CA MSE B 48 -2.99 -6.83 0.98
C MSE B 48 -3.63 -5.90 2.01
O MSE B 48 -3.05 -4.88 2.37
CB MSE B 48 -3.70 -6.72 -0.37
CG MSE B 48 -2.94 -7.39 -1.50
SE MSE B 48 -3.75 -7.06 -3.22
CE MSE B 48 -3.08 -5.29 -3.57
N GLU B 49 -4.83 -6.25 2.47
CA GLU B 49 -5.53 -5.46 3.46
C GLU B 49 -4.56 -5.21 4.62
N ALA B 50 -4.17 -6.30 5.26
CA ALA B 50 -3.24 -6.26 6.39
C ALA B 50 -2.12 -5.24 6.21
N ILE B 51 -1.53 -5.20 5.01
CA ILE B 51 -0.46 -4.25 4.75
C ILE B 51 -1.01 -2.84 4.78
N ILE B 52 -2.14 -2.61 4.15
CA ILE B 52 -2.70 -1.26 4.17
C ILE B 52 -3.16 -0.92 5.60
N ASN B 53 -3.67 -1.91 6.32
CA ASN B 53 -4.11 -1.65 7.69
C ASN B 53 -2.96 -1.32 8.65
N SER B 54 -1.73 -1.29 8.14
CA SER B 54 -0.60 -0.98 9.01
C SER B 54 -0.06 0.41 8.73
N MSE B 55 -0.80 1.15 7.90
CA MSE B 55 -0.35 2.48 7.56
C MSE B 55 -1.03 3.54 8.41
O MSE B 55 -1.79 3.24 9.31
CB MSE B 55 -0.62 2.73 6.09
CG MSE B 55 -0.19 1.58 5.23
SE MSE B 55 -0.26 2.05 3.39
CE MSE B 55 1.59 1.77 2.92
N THR B 56 -0.70 4.79 8.11
CA THR B 56 -1.27 5.91 8.82
C THR B 56 -2.12 6.68 7.83
N MSE B 57 -3.10 7.43 8.32
CA MSE B 57 -3.97 8.17 7.43
C MSE B 57 -3.21 8.92 6.37
O MSE B 57 -3.62 8.94 5.20
CB MSE B 57 -4.86 9.14 8.22
CG MSE B 57 -6.19 8.52 8.63
SE MSE B 57 -7.01 7.59 7.13
CE MSE B 57 -7.76 9.12 6.21
N LYS B 58 -2.08 9.52 6.74
CA LYS B 58 -1.27 10.25 5.79
C LYS B 58 -0.67 9.34 4.72
N GLU B 59 -0.11 8.22 5.15
CA GLU B 59 0.49 7.25 4.25
C GLU B 59 -0.44 6.77 3.14
N ARG B 60 -1.73 6.66 3.45
CA ARG B 60 -2.69 6.22 2.45
C ARG B 60 -3.01 7.36 1.51
N ALA B 61 -3.47 8.47 2.10
CA ALA B 61 -3.83 9.65 1.34
C ALA B 61 -2.75 10.13 0.38
N LYS B 62 -1.49 10.01 0.79
CA LYS B 62 -0.39 10.47 -0.03
C LYS B 62 0.77 9.47 0.04
N PRO B 63 0.59 8.28 -0.57
CA PRO B 63 1.58 7.20 -0.60
C PRO B 63 3.03 7.57 -0.92
N GLU B 64 3.24 8.45 -1.89
CA GLU B 64 4.60 8.82 -2.28
C GLU B 64 5.54 9.24 -1.17
N ILE B 65 5.03 9.39 0.04
CA ILE B 65 5.87 9.78 1.16
C ILE B 65 6.41 8.55 1.88
N ILE B 66 6.05 7.38 1.36
CA ILE B 66 6.43 6.11 1.97
C ILE B 66 7.78 5.54 1.55
N LYS B 67 8.86 6.02 2.16
CA LYS B 67 10.19 5.49 1.83
C LYS B 67 10.63 4.30 2.69
N GLY B 68 11.95 4.07 2.73
CA GLY B 68 12.48 2.95 3.46
C GLY B 68 11.89 2.75 4.83
N SER B 69 12.27 3.65 5.75
CA SER B 69 11.84 3.59 7.14
C SER B 69 10.37 3.21 7.36
N ARG B 70 9.49 3.90 6.66
CA ARG B 70 8.08 3.59 6.81
C ARG B 70 7.82 2.18 6.34
N LYS B 71 8.30 1.82 5.14
CA LYS B 71 8.10 0.47 4.61
C LYS B 71 8.44 -0.52 5.71
N ARG B 72 9.66 -0.43 6.22
CA ARG B 72 10.07 -1.32 7.30
C ARG B 72 9.00 -1.43 8.36
N ARG B 73 8.59 -0.30 8.94
CA ARG B 73 7.57 -0.34 9.98
C ARG B 73 6.33 -1.09 9.54
N ILE B 74 5.87 -0.77 8.33
CA ILE B 74 4.67 -1.37 7.74
C ILE B 74 4.77 -2.88 7.56
N ALA B 75 5.91 -3.34 7.04
CA ALA B 75 6.15 -4.75 6.82
C ALA B 75 6.07 -5.45 8.15
N ALA B 76 7.07 -5.21 8.98
CA ALA B 76 7.12 -5.83 10.29
C ALA B 76 5.78 -5.72 11.01
N GLY B 77 5.04 -4.65 10.71
CA GLY B 77 3.77 -4.43 11.36
C GLY B 77 2.66 -5.36 10.94
N SER B 78 2.60 -5.69 9.65
CA SER B 78 1.57 -6.57 9.14
C SER B 78 2.18 -7.94 8.90
N GLY B 79 3.05 -8.35 9.82
CA GLY B 79 3.69 -9.64 9.71
C GLY B 79 4.18 -10.01 8.33
N MSE B 80 4.57 -8.99 7.57
CA MSE B 80 5.06 -9.17 6.21
C MSE B 80 6.55 -8.87 6.10
O MSE B 80 7.25 -8.68 7.10
CB MSE B 80 4.30 -8.26 5.26
CG MSE B 80 2.90 -8.72 4.99
SE MSE B 80 2.99 -10.48 4.23
CE MSE B 80 2.58 -11.56 5.78
N GLN B 81 7.02 -8.83 4.86
CA GLN B 81 8.42 -8.53 4.54
C GLN B 81 8.33 -7.28 3.67
N VAL B 82 9.41 -6.50 3.60
CA VAL B 82 9.37 -5.27 2.82
C VAL B 82 8.99 -5.43 1.36
N GLN B 83 9.54 -6.46 0.71
CA GLN B 83 9.23 -6.69 -0.70
C GLN B 83 7.73 -6.84 -0.96
N ASP B 84 7.01 -7.39 0.02
CA ASP B 84 5.57 -7.56 -0.10
C ASP B 84 4.90 -6.19 -0.12
N VAL B 85 5.44 -5.27 0.68
CA VAL B 85 4.92 -3.91 0.73
C VAL B 85 5.20 -3.29 -0.64
N ASN B 86 6.45 -3.42 -1.08
CA ASN B 86 6.88 -2.87 -2.36
C ASN B 86 5.96 -3.38 -3.46
N ARG B 87 5.73 -4.69 -3.47
CA ARG B 87 4.86 -5.31 -4.46
C ARG B 87 3.50 -4.61 -4.45
N LEU B 88 2.91 -4.52 -3.26
CA LEU B 88 1.60 -3.88 -3.04
C LEU B 88 1.63 -2.49 -3.64
N LEU B 89 2.53 -1.66 -3.11
CA LEU B 89 2.70 -0.29 -3.56
C LEU B 89 2.86 -0.26 -5.07
N LYS B 90 3.58 -1.24 -5.61
CA LYS B 90 3.78 -1.35 -7.06
C LYS B 90 2.39 -1.53 -7.67
N GLN B 91 1.59 -2.42 -7.08
CA GLN B 91 0.25 -2.70 -7.56
C GLN B 91 -0.62 -1.46 -7.52
N PHE B 92 -0.68 -0.79 -6.37
CA PHE B 92 -1.50 0.41 -6.24
C PHE B 92 -1.10 1.42 -7.32
N ASP B 93 0.21 1.52 -7.55
CA ASP B 93 0.70 2.44 -8.55
C ASP B 93 0.11 2.09 -9.91
N ASP B 94 0.39 0.87 -10.39
CA ASP B 94 -0.15 0.46 -11.68
C ASP B 94 -1.65 0.77 -11.68
N MSE B 95 -2.31 0.38 -10.60
CA MSE B 95 -3.74 0.59 -10.44
C MSE B 95 -4.14 2.06 -10.56
O MSE B 95 -5.14 2.41 -11.19
CB MSE B 95 -4.18 0.04 -9.08
CG MSE B 95 -5.54 0.52 -8.60
SE MSE B 95 -6.97 0.06 -9.78
CE MSE B 95 -6.99 -1.85 -9.48
N GLN B 96 -3.37 2.94 -9.93
CA GLN B 96 -3.65 4.37 -9.98
C GLN B 96 -3.36 4.85 -11.39
N ARG B 97 -2.25 4.36 -11.94
CA ARG B 97 -1.83 4.73 -13.29
C ARG B 97 -2.98 4.50 -14.27
N MSE B 98 -3.59 3.32 -14.19
CA MSE B 98 -4.67 2.97 -15.08
C MSE B 98 -5.85 3.92 -14.88
O MSE B 98 -6.73 4.03 -15.74
CB MSE B 98 -5.11 1.53 -14.81
CG MSE B 98 -5.83 0.87 -15.96
SE MSE B 98 -5.69 -1.06 -15.85
CE MSE B 98 -4.00 -1.28 -16.77
N MSE B 99 -5.85 4.63 -13.76
CA MSE B 99 -6.90 5.60 -13.44
C MSE B 99 -6.60 6.94 -14.12
O MSE B 99 -7.49 7.56 -14.70
CB MSE B 99 -6.98 5.81 -11.92
CG MSE B 99 -7.11 4.54 -11.10
SE MSE B 99 -8.69 3.52 -11.51
CE MSE B 99 -9.98 4.56 -10.53
N LYS B 100 -5.34 7.36 -14.03
CA LYS B 100 -4.91 8.62 -14.64
C LYS B 100 -4.90 8.43 -16.16
N LYS B 101 -5.87 7.67 -16.66
CA LYS B 101 -6.00 7.39 -18.09
C LYS B 101 -7.46 7.18 -18.47
N MSE B 102 -8.31 8.08 -17.96
CA MSE B 102 -9.75 8.04 -18.22
C MSE B 102 -10.48 9.06 -17.35
O MSE B 102 -11.18 9.93 -17.90
OXT MSE B 102 -10.35 8.98 -16.10
CB MSE B 102 -10.31 6.65 -17.97
CG MSE B 102 -10.10 6.15 -16.56
SE MSE B 102 -11.10 4.55 -16.23
CE MSE B 102 -12.76 5.37 -15.67
CO NCO C . -1.88 17.18 25.99
N1 NCO C . -0.27 17.94 25.13
N2 NCO C . -3.48 16.42 26.84
N3 NCO C . -1.01 15.40 26.04
N4 NCO C . -2.74 18.95 25.93
N5 NCO C . -1.13 17.59 27.76
N6 NCO C . -2.63 16.76 24.21
CO NCO D . 2.99 1.95 20.42
N1 NCO D . 4.74 2.21 21.29
N2 NCO D . 1.24 1.69 19.55
N3 NCO D . 3.01 0.06 20.94
N4 NCO D . 2.96 3.86 19.91
N5 NCO D . 2.09 2.40 22.11
N6 NCO D . 3.89 1.52 18.74
CO NCO E . -5.19 -11.81 16.17
N1 NCO E . -4.18 -11.06 17.68
N2 NCO E . -6.20 -12.57 14.67
N3 NCO E . -5.00 -13.61 16.95
N4 NCO E . -5.38 -10.02 15.39
N5 NCO E . -6.87 -11.56 17.17
N6 NCO E . -3.51 -12.07 15.18
CO NCO F . 0.66 -22.81 11.43
N1 NCO F . 1.39 -21.96 13.04
N2 NCO F . -0.07 -23.66 9.82
N3 NCO F . 1.12 -24.58 12.16
N4 NCO F . 0.20 -21.05 10.70
N5 NCO F . -1.10 -22.91 12.28
N6 NCO F . 2.42 -22.71 10.58
CO NCO G . -5.06 -19.15 18.17
N1 NCO G . -4.15 -18.55 19.80
N2 NCO G . -5.98 -19.75 16.53
N3 NCO G . -3.41 -18.87 17.14
N4 NCO G . -6.72 -19.43 19.19
N5 NCO G . -4.52 -21.00 18.54
N6 NCO G . -5.61 -17.30 17.80
CO NCO H . 0.78 -8.59 24.86
N1 NCO H . 1.94 -9.05 26.37
N2 NCO H . -0.39 -8.13 23.35
N3 NCO H . 1.90 -9.67 23.67
N4 NCO H . -0.35 -7.51 26.06
N5 NCO H . -0.34 -10.17 25.25
N6 NCO H . 1.89 -7.01 24.49
CO NCO I . 1.98 25.32 32.80
N1 NCO I . 3.56 25.77 31.72
N2 NCO I . 0.40 24.87 33.86
N3 NCO I . 1.33 24.18 31.35
N4 NCO I . 2.63 26.48 34.24
N5 NCO I . 2.94 23.81 33.58
N6 NCO I . 1.02 26.84 32.02
#